data_6XAQ
#
_entry.id   6XAQ
#
_cell.length_a   45.107
_cell.length_b   50.477
_cell.length_c   79.239
_cell.angle_alpha   90.000
_cell.angle_beta   90.000
_cell.angle_gamma   90.000
#
_symmetry.space_group_name_H-M   'P 21 21 21'
#
loop_
_entity.id
_entity.type
_entity.pdbx_description
1 polymer 'Antifreeze protein'
2 non-polymer 'CALCIUM ION'
3 non-polymer 'methyl alpha-D-glucopyranoside'
4 water water
#
_entity_poly.entity_id   1
_entity_poly.type   'polypeptide(L)'
_entity_poly.pdbx_seq_one_letter_code
;AQDDSTPDSLFAGLVGEYYGTNSQLNNISDFRALVDSKEADATFEAANISYGRGSSDVAKGTHLQEFLGSDASTLSTDPG
DNTDGGIYLQGYVYLEAGTYNFKVTADDGYEITINGNPVATVDNNQSVYTVTHASFTISESGYQAIDMIWWDQGGDYVFQ
PTLSADGGSTYFVLDSAILSSTGETPYTT
;
_entity_poly.pdbx_strand_id   A
#
loop_
_chem_comp.id
_chem_comp.type
_chem_comp.name
_chem_comp.formula
CA non-polymer 'CALCIUM ION' 'Ca 2'
GYP D-saccharide 'methyl alpha-D-glucopyranoside' 'C7 H14 O6'
#
# COMPACT_ATOMS: atom_id res chain seq x y z
N PRO A 7 -21.16 5.71 -9.62
CA PRO A 7 -20.76 4.29 -9.47
C PRO A 7 -19.22 4.16 -9.36
N ASP A 8 -18.75 3.18 -8.57
CA ASP A 8 -17.30 2.96 -8.34
C ASP A 8 -16.81 1.91 -9.34
N SER A 9 -15.61 2.10 -9.87
CA SER A 9 -14.99 1.20 -10.88
C SER A 9 -14.74 -0.18 -10.24
N LEU A 10 -15.17 -1.28 -10.87
CA LEU A 10 -14.85 -2.66 -10.43
C LEU A 10 -13.58 -3.12 -11.16
N PHE A 11 -12.52 -3.39 -10.43
CA PHE A 11 -11.26 -3.87 -11.03
C PHE A 11 -10.61 -4.76 -9.99
N ALA A 12 -9.68 -5.56 -10.46
CA ALA A 12 -8.95 -6.54 -9.62
C ALA A 12 -7.75 -5.83 -9.00
N GLY A 13 -8.02 -5.04 -7.98
CA GLY A 13 -7.00 -4.19 -7.36
C GLY A 13 -7.62 -3.38 -6.24
N LEU A 14 -6.80 -2.63 -5.53
CA LEU A 14 -7.29 -1.66 -4.53
C LEU A 14 -7.39 -0.29 -5.18
N VAL A 15 -8.31 0.51 -4.67
CA VAL A 15 -8.39 1.94 -5.04
C VAL A 15 -7.18 2.66 -4.45
N GLY A 16 -6.35 3.24 -5.31
CA GLY A 16 -5.12 3.93 -4.91
C GLY A 16 -5.28 5.43 -4.97
N GLU A 17 -4.74 6.09 -3.97
CA GLU A 17 -4.62 7.56 -3.95
C GLU A 17 -3.20 7.91 -3.54
N TYR A 18 -2.63 8.85 -4.26
CA TYR A 18 -1.30 9.41 -3.96
C TYR A 18 -1.48 10.83 -3.45
N TYR A 19 -0.75 11.17 -2.40
CA TYR A 19 -0.68 12.53 -1.83
C TYR A 19 0.77 12.94 -1.65
N GLY A 20 1.05 14.15 -2.08
CA GLY A 20 2.37 14.77 -1.88
C GLY A 20 2.27 15.96 -0.95
N THR A 21 3.39 16.33 -0.36
CA THR A 21 3.45 17.49 0.56
C THR A 21 4.87 18.01 0.60
N ASN A 22 5.00 19.28 0.99
CA ASN A 22 6.32 19.87 1.25
C ASN A 22 6.58 20.00 2.74
N SER A 23 5.72 19.39 3.54
CA SER A 23 5.93 19.24 5.00
C SER A 23 6.59 17.88 5.25
N GLN A 24 7.18 17.69 6.41
CA GLN A 24 7.86 16.43 6.79
C GLN A 24 6.84 15.41 7.24
N LEU A 25 6.90 14.22 6.66
CA LEU A 25 6.11 13.08 7.17
C LEU A 25 6.98 12.25 8.10
N ASN A 26 6.63 12.22 9.38
CA ASN A 26 7.44 11.49 10.41
C ASN A 26 6.76 10.19 10.84
N ASN A 27 5.48 10.03 10.62
CA ASN A 27 4.72 8.93 11.25
C ASN A 27 3.38 8.76 10.56
N ILE A 28 2.64 7.75 10.97
CA ILE A 28 1.35 7.39 10.34
C ILE A 28 0.37 8.55 10.48
N SER A 29 0.32 9.17 11.65
CA SER A 29 -0.58 10.32 11.92
C SER A 29 -0.34 11.43 10.90
N ASP A 30 0.92 11.71 10.59
CA ASP A 30 1.24 12.82 9.67
C ASP A 30 0.68 12.46 8.29
N PHE A 31 0.85 11.21 7.86
CA PHE A 31 0.38 10.87 6.51
C PHE A 31 -1.14 10.87 6.47
N ARG A 32 -1.78 10.31 7.49
CA ARG A 32 -3.26 10.28 7.51
C ARG A 32 -3.81 11.72 7.53
N ALA A 33 -3.14 12.63 8.25
CA ALA A 33 -3.59 14.04 8.25
C ALA A 33 -3.45 14.63 6.85
N LEU A 34 -2.39 14.25 6.13
CA LEU A 34 -2.24 14.74 4.73
C LEU A 34 -3.43 14.24 3.90
N VAL A 35 -3.77 12.96 4.00
CA VAL A 35 -4.90 12.38 3.22
C VAL A 35 -6.18 13.15 3.58
N ASP A 36 -6.39 13.45 4.85
CA ASP A 36 -7.57 14.18 5.39
CA ASP A 36 -7.66 14.11 5.21
C ASP A 36 -7.65 15.60 4.81
N SER A 37 -6.50 16.19 4.44
CA SER A 37 -6.37 17.65 4.24
C SER A 37 -6.84 18.08 2.85
N LYS A 38 -6.92 17.17 1.89
CA LYS A 38 -7.14 17.58 0.49
C LYS A 38 -7.56 16.40 -0.35
N GLU A 39 -7.95 16.69 -1.60
CA GLU A 39 -8.16 15.67 -2.65
C GLU A 39 -6.83 15.03 -3.03
N ALA A 40 -6.88 13.75 -3.37
CA ALA A 40 -5.68 13.03 -3.83
C ALA A 40 -5.02 13.83 -4.96
N ASP A 41 -3.70 13.88 -4.95
CA ASP A 41 -2.95 14.48 -6.07
C ASP A 41 -2.97 13.57 -7.29
N ALA A 42 -3.17 12.27 -7.11
CA ALA A 42 -3.44 11.36 -8.23
C ALA A 42 -4.17 10.13 -7.72
N THR A 43 -4.95 9.50 -8.56
CA THR A 43 -5.55 8.19 -8.25
C THR A 43 -4.99 7.14 -9.20
N PHE A 44 -5.09 5.90 -8.80
CA PHE A 44 -4.59 4.78 -9.61
C PHE A 44 -5.23 3.48 -9.13
N GLU A 45 -5.07 2.42 -9.91
CA GLU A 45 -5.50 1.06 -9.55
C GLU A 45 -4.29 0.31 -9.05
N ALA A 46 -4.36 -0.15 -7.80
CA ALA A 46 -3.27 -0.89 -7.15
C ALA A 46 -3.51 -2.39 -7.35
N ALA A 47 -3.05 -2.89 -8.48
CA ALA A 47 -3.28 -4.31 -8.88
C ALA A 47 -2.07 -5.19 -8.62
N ASN A 48 -0.91 -4.63 -8.31
CA ASN A 48 0.31 -5.44 -8.07
C ASN A 48 1.11 -4.71 -6.99
N ILE A 49 0.85 -5.02 -5.73
CA ILE A 49 1.32 -4.16 -4.61
C ILE A 49 2.73 -4.59 -4.23
N SER A 50 3.67 -4.22 -5.09
CA SER A 50 5.11 -4.46 -4.90
C SER A 50 5.82 -3.32 -5.59
N TYR A 51 6.16 -2.28 -4.84
CA TYR A 51 6.52 -0.97 -5.42
C TYR A 51 7.96 -0.65 -5.09
N GLY A 52 8.67 0.00 -6.01
CA GLY A 52 10.07 0.40 -5.79
C GLY A 52 10.96 -0.81 -5.96
N ARG A 53 12.23 -0.74 -5.56
N ARG A 53 12.23 -0.74 -5.56
CA ARG A 53 12.86 0.34 -4.81
CA ARG A 53 12.85 0.35 -4.81
C ARG A 53 13.39 1.43 -5.75
C ARG A 53 13.39 1.43 -5.74
N GLY A 54 13.43 2.67 -5.28
CA GLY A 54 14.06 3.76 -6.03
C GLY A 54 14.67 4.75 -5.09
N SER A 55 15.29 5.77 -5.65
CA SER A 55 16.05 6.81 -4.92
C SER A 55 15.61 8.22 -5.30
N SER A 56 16.06 9.20 -4.54
CA SER A 56 15.95 10.64 -4.88
C SER A 56 14.47 11.08 -4.81
N ASP A 57 13.73 10.54 -3.83
CA ASP A 57 12.44 11.05 -3.30
C ASP A 57 11.28 10.56 -4.17
N VAL A 58 10.31 9.87 -3.60
CA VAL A 58 9.20 9.32 -4.43
C VAL A 58 8.43 10.46 -5.06
N ALA A 59 8.41 11.60 -4.40
CA ALA A 59 7.48 12.68 -4.77
C ALA A 59 8.06 13.59 -5.84
N LYS A 60 9.31 13.36 -6.27
N LYS A 60 9.28 13.32 -6.31
CA LYS A 60 10.00 14.17 -7.30
CA LYS A 60 9.90 14.21 -7.32
C LYS A 60 9.89 13.52 -8.69
C LYS A 60 9.95 13.52 -8.69
N GLY A 61 9.84 14.35 -9.73
CA GLY A 61 9.95 13.93 -11.13
C GLY A 61 9.02 12.78 -11.44
N THR A 62 9.56 11.75 -12.05
CA THR A 62 8.79 10.56 -12.44
C THR A 62 9.00 9.42 -11.47
N HIS A 63 9.48 9.69 -10.27
CA HIS A 63 9.80 8.58 -9.34
C HIS A 63 8.55 7.82 -8.94
N LEU A 64 7.41 8.50 -8.80
CA LEU A 64 6.17 7.79 -8.42
C LEU A 64 5.86 6.78 -9.51
N GLN A 65 5.92 7.19 -10.76
CA GLN A 65 5.60 6.30 -11.89
C GLN A 65 6.53 5.10 -11.83
N GLU A 66 7.81 5.32 -11.57
CA GLU A 66 8.79 4.22 -11.50
C GLU A 66 8.40 3.28 -10.37
N PHE A 67 8.09 3.85 -9.21
CA PHE A 67 7.74 3.09 -8.00
C PHE A 67 6.51 2.22 -8.26
N LEU A 68 5.46 2.79 -8.82
CA LEU A 68 4.20 2.06 -9.05
C LEU A 68 4.33 1.03 -10.17
N GLY A 69 5.29 1.20 -11.08
CA GLY A 69 5.56 0.24 -12.16
C GLY A 69 4.34 -0.14 -12.95
N SER A 70 3.99 -1.44 -12.93
CA SER A 70 2.84 -2.03 -13.67
C SER A 70 1.54 -1.28 -13.37
N ASP A 71 1.43 -0.59 -12.23
CA ASP A 71 0.20 0.14 -11.85
C ASP A 71 0.21 1.58 -12.35
N ALA A 72 1.36 2.11 -12.78
CA ALA A 72 1.47 3.53 -13.15
C ALA A 72 0.62 3.91 -14.35
N SER A 73 0.28 2.94 -15.20
CA SER A 73 -0.48 3.26 -16.42
C SER A 73 -1.91 3.62 -16.07
N THR A 74 -2.32 3.44 -14.82
CA THR A 74 -3.67 3.83 -14.37
C THR A 74 -3.67 5.16 -13.63
N LEU A 75 -2.55 5.85 -13.55
CA LEU A 75 -2.54 7.17 -12.87
C LEU A 75 -3.50 8.15 -13.53
N SER A 76 -4.25 8.89 -12.75
CA SER A 76 -5.22 9.90 -13.22
C SER A 76 -4.50 11.14 -13.70
N THR A 77 -3.30 11.40 -13.20
CA THR A 77 -2.50 12.57 -13.61
C THR A 77 -1.05 12.29 -13.21
N ASP A 78 -0.14 13.15 -13.66
CA ASP A 78 1.28 13.10 -13.25
C ASP A 78 1.44 14.20 -12.22
N PRO A 79 1.53 13.85 -10.92
CA PRO A 79 1.65 14.90 -9.92
C PRO A 79 2.89 15.76 -10.15
N GLY A 80 2.82 17.01 -9.75
CA GLY A 80 3.99 17.89 -9.67
C GLY A 80 4.94 17.47 -8.56
N ASP A 81 6.08 18.14 -8.45
CA ASP A 81 7.06 17.83 -7.41
C ASP A 81 6.53 18.17 -6.01
N ASN A 82 6.90 17.30 -5.07
CA ASN A 82 6.81 17.55 -3.62
C ASN A 82 8.05 16.95 -2.99
N THR A 83 8.31 17.31 -1.73
CA THR A 83 9.46 16.70 -1.03
C THR A 83 9.10 15.31 -0.49
N ASP A 84 7.87 15.14 -0.04
CA ASP A 84 7.39 13.96 0.72
C ASP A 84 6.12 13.49 0.05
N GLY A 85 5.80 12.22 0.17
CA GLY A 85 4.54 11.75 -0.37
C GLY A 85 4.25 10.33 0.00
N GLY A 86 3.04 9.89 -0.27
CA GLY A 86 2.71 8.52 0.09
C GLY A 86 1.44 8.09 -0.58
N ILE A 87 1.02 6.87 -0.31
CA ILE A 87 -0.17 6.27 -0.92
C ILE A 87 -1.14 5.78 0.14
N TYR A 88 -2.42 5.84 -0.21
CA TYR A 88 -3.53 5.27 0.56
C TYR A 88 -4.27 4.33 -0.37
N LEU A 89 -4.29 3.05 -0.02
CA LEU A 89 -4.97 2.01 -0.83
C LEU A 89 -6.16 1.52 -0.03
N GLN A 90 -7.29 1.29 -0.67
CA GLN A 90 -8.43 0.68 0.04
C GLN A 90 -9.23 -0.19 -0.91
N GLY A 91 -9.80 -1.25 -0.37
CA GLY A 91 -10.69 -2.14 -1.11
C GLY A 91 -10.82 -3.44 -0.39
N TYR A 92 -10.71 -4.54 -1.11
CA TYR A 92 -11.03 -5.89 -0.59
C TYR A 92 -10.01 -6.88 -1.09
N VAL A 93 -9.80 -7.90 -0.27
CA VAL A 93 -8.87 -9.00 -0.59
C VAL A 93 -9.57 -10.33 -0.26
N TYR A 94 -9.59 -11.23 -1.23
CA TYR A 94 -10.16 -12.58 -1.00
C TYR A 94 -9.20 -13.37 -0.12
N LEU A 95 -9.69 -13.75 1.06
CA LEU A 95 -8.97 -14.68 1.96
C LEU A 95 -9.94 -15.75 2.47
N GLU A 96 -9.45 -16.98 2.49
CA GLU A 96 -10.13 -18.12 3.16
C GLU A 96 -9.97 -17.93 4.66
N ALA A 97 -10.95 -18.36 5.45
CA ALA A 97 -10.82 -18.38 6.91
C ALA A 97 -9.52 -19.11 7.27
N GLY A 98 -8.83 -18.55 8.25
CA GLY A 98 -7.58 -19.14 8.75
C GLY A 98 -6.68 -18.08 9.33
N THR A 99 -5.41 -18.44 9.46
CA THR A 99 -4.40 -17.61 10.14
C THR A 99 -3.44 -17.10 9.09
N TYR A 100 -3.04 -15.84 9.23
CA TYR A 100 -2.16 -15.16 8.25
C TYR A 100 -1.18 -14.25 8.95
N ASN A 101 -0.11 -13.88 8.27
CA ASN A 101 0.73 -12.78 8.79
C ASN A 101 1.40 -12.09 7.60
N PHE A 102 1.60 -10.79 7.77
CA PHE A 102 2.33 -9.95 6.80
C PHE A 102 3.82 -10.03 7.11
N LYS A 103 4.58 -9.88 6.04
CA LYS A 103 6.01 -9.60 6.11
C LYS A 103 6.25 -8.48 5.11
N VAL A 104 6.67 -7.33 5.60
CA VAL A 104 6.66 -6.08 4.79
C VAL A 104 8.07 -5.54 4.68
N THR A 105 8.50 -5.27 3.47
CA THR A 105 9.76 -4.53 3.19
C THR A 105 9.37 -3.10 2.86
N ALA A 106 9.93 -2.12 3.56
CA ALA A 106 9.49 -0.74 3.37
C ALA A 106 10.58 0.26 3.73
N ASP A 107 10.49 1.39 3.02
CA ASP A 107 11.12 2.68 3.37
C ASP A 107 10.13 3.69 2.83
N ASP A 108 9.45 4.53 3.62
CA ASP A 108 9.57 4.65 5.07
C ASP A 108 8.57 3.73 5.77
N GLY A 109 7.62 4.27 6.53
CA GLY A 109 6.69 3.48 7.33
C GLY A 109 5.38 3.21 6.62
N TYR A 110 4.48 2.57 7.32
CA TYR A 110 3.24 2.02 6.72
C TYR A 110 2.31 1.53 7.80
N GLU A 111 1.06 1.39 7.42
CA GLU A 111 0.09 0.65 8.25
C GLU A 111 -0.88 -0.07 7.33
N ILE A 112 -1.14 -1.33 7.62
CA ILE A 112 -2.13 -2.15 6.91
C ILE A 112 -3.20 -2.55 7.91
N THR A 113 -4.46 -2.40 7.53
CA THR A 113 -5.61 -2.83 8.35
C THR A 113 -6.41 -3.85 7.57
N ILE A 114 -6.95 -4.83 8.25
CA ILE A 114 -7.90 -5.81 7.66
C ILE A 114 -9.15 -5.82 8.52
N ASN A 115 -10.30 -5.67 7.87
CA ASN A 115 -11.59 -5.58 8.60
C ASN A 115 -11.47 -4.53 9.72
N GLY A 116 -10.77 -3.43 9.43
CA GLY A 116 -10.64 -2.22 10.28
C GLY A 116 -9.56 -2.31 11.35
N ASN A 117 -8.92 -3.48 11.54
CA ASN A 117 -7.96 -3.75 12.65
C ASN A 117 -6.55 -3.71 12.08
N PRO A 118 -5.62 -2.92 12.65
CA PRO A 118 -4.24 -2.95 12.18
C PRO A 118 -3.65 -4.35 12.32
N VAL A 119 -2.96 -4.78 11.28
CA VAL A 119 -2.26 -6.08 11.25
C VAL A 119 -0.80 -5.91 10.84
N ALA A 120 -0.35 -4.71 10.52
CA ALA A 120 1.08 -4.45 10.21
C ALA A 120 1.31 -2.96 10.33
N THR A 121 2.17 -2.55 11.24
CA THR A 121 2.39 -1.15 11.60
C THR A 121 3.88 -0.88 11.70
N VAL A 122 4.37 0.15 11.02
CA VAL A 122 5.68 0.79 11.30
C VAL A 122 5.41 2.29 11.35
N ASP A 123 5.39 2.84 12.56
CA ASP A 123 4.95 4.22 12.83
C ASP A 123 6.14 5.18 12.90
N ASN A 124 7.07 5.10 11.95
CA ASN A 124 8.28 5.96 11.97
C ASN A 124 8.92 5.83 10.60
N ASN A 125 9.89 6.70 10.38
CA ASN A 125 10.71 6.69 9.17
C ASN A 125 11.77 5.61 9.34
N GLN A 126 12.25 5.10 8.22
CA GLN A 126 13.29 4.05 8.27
C GLN A 126 13.87 3.89 6.88
N SER A 127 15.17 3.62 6.81
CA SER A 127 15.77 3.02 5.60
C SER A 127 15.24 1.61 5.43
N VAL A 128 15.43 1.04 4.26
CA VAL A 128 14.76 -0.22 3.88
C VAL A 128 14.93 -1.26 4.99
N TYR A 129 13.81 -1.81 5.42
CA TYR A 129 13.78 -2.81 6.49
C TYR A 129 12.62 -3.75 6.25
N THR A 130 12.79 -5.00 6.63
CA THR A 130 11.76 -6.05 6.46
C THR A 130 11.33 -6.50 7.83
N VAL A 131 10.05 -6.36 8.15
CA VAL A 131 9.47 -6.82 9.42
C VAL A 131 8.52 -7.98 9.13
N THR A 132 8.69 -9.06 9.89
CA THR A 132 7.74 -10.17 9.98
C THR A 132 6.75 -9.84 11.09
N HIS A 133 5.50 -9.56 10.75
CA HIS A 133 4.46 -9.09 11.68
C HIS A 133 3.74 -10.29 12.30
N ALA A 134 3.10 -9.99 13.42
CA ALA A 134 2.30 -10.94 14.22
C ALA A 134 1.15 -11.47 13.39
N SER A 135 0.77 -12.72 13.64
N SER A 135 0.77 -12.71 13.65
CA SER A 135 -0.34 -13.39 12.92
CA SER A 135 -0.35 -13.40 12.97
C SER A 135 -1.68 -12.80 13.35
C SER A 135 -1.66 -12.72 13.31
N PHE A 136 -2.65 -12.94 12.45
CA PHE A 136 -4.04 -12.53 12.69
C PHE A 136 -4.93 -13.61 12.09
N THR A 137 -6.20 -13.62 12.47
CA THR A 137 -7.15 -14.63 12.01
C THR A 137 -8.22 -13.97 11.16
N ILE A 138 -8.64 -14.71 10.17
CA ILE A 138 -9.83 -14.39 9.35
C ILE A 138 -10.88 -15.42 9.77
N SER A 139 -12.03 -14.94 10.23
CA SER A 139 -13.11 -15.83 10.77
C SER A 139 -13.98 -16.39 9.64
N GLU A 140 -14.18 -15.66 8.53
CA GLU A 140 -15.15 -16.07 7.48
C GLU A 140 -14.49 -15.89 6.11
N SER A 141 -14.47 -16.95 5.30
CA SER A 141 -13.93 -16.93 3.93
C SER A 141 -14.67 -15.89 3.11
N GLY A 142 -13.94 -15.17 2.27
CA GLY A 142 -14.53 -14.24 1.30
C GLY A 142 -13.67 -13.00 1.15
N TYR A 143 -14.25 -11.94 0.61
CA TYR A 143 -13.58 -10.63 0.46
C TYR A 143 -13.55 -9.93 1.82
N GLN A 144 -12.34 -9.66 2.29
CA GLN A 144 -12.07 -8.95 3.54
C GLN A 144 -11.80 -7.50 3.18
N ALA A 145 -12.27 -6.57 3.98
CA ALA A 145 -11.89 -5.15 3.82
C ALA A 145 -10.42 -5.01 4.15
N ILE A 146 -9.71 -4.26 3.31
CA ILE A 146 -8.27 -3.98 3.55
C ILE A 146 -7.98 -2.53 3.22
N ASP A 147 -7.12 -1.93 4.00
CA ASP A 147 -6.52 -0.66 3.56
C ASP A 147 -5.08 -0.60 3.97
N MET A 148 -4.34 0.24 3.26
CA MET A 148 -2.89 0.41 3.48
C MET A 148 -2.58 1.89 3.37
N ILE A 149 -1.64 2.33 4.17
CA ILE A 149 -0.93 3.60 3.92
C ILE A 149 0.55 3.27 3.94
N TRP A 150 1.29 4.02 3.15
CA TRP A 150 2.75 3.97 3.07
C TRP A 150 3.21 5.38 2.74
N TRP A 151 4.39 5.77 3.21
CA TRP A 151 4.93 7.06 2.78
C TRP A 151 6.44 7.02 2.65
N ASP A 152 6.93 8.06 1.99
CA ASP A 152 8.36 8.39 1.85
C ASP A 152 8.59 9.80 2.38
N GLN A 153 9.44 9.93 3.40
CA GLN A 153 9.83 11.26 3.92
C GLN A 153 10.91 11.88 3.05
N GLY A 154 11.46 11.11 2.11
CA GLY A 154 12.58 11.52 1.28
C GLY A 154 13.59 10.41 1.16
N GLY A 155 14.44 10.55 0.14
CA GLY A 155 15.54 9.63 -0.16
C GLY A 155 15.05 8.40 -0.89
N ASP A 156 15.35 7.22 -0.35
CA ASP A 156 14.94 5.95 -0.98
CA ASP A 156 14.94 5.95 -0.98
C ASP A 156 13.48 5.63 -0.61
N TYR A 157 12.90 4.73 -1.37
CA TYR A 157 11.49 4.37 -1.20
C TYR A 157 11.31 2.96 -1.71
N VAL A 158 10.55 2.18 -0.96
CA VAL A 158 10.16 0.81 -1.38
C VAL A 158 8.95 0.42 -0.56
N PHE A 159 8.07 -0.39 -1.11
CA PHE A 159 6.90 -0.90 -0.34
C PHE A 159 6.48 -2.22 -0.92
N GLN A 160 6.75 -3.31 -0.20
CA GLN A 160 6.31 -4.66 -0.62
C GLN A 160 5.74 -5.41 0.57
N PRO A 161 4.40 -5.38 0.77
N PRO A 161 4.41 -5.29 0.80
CA PRO A 161 3.77 -6.14 1.86
CA PRO A 161 3.75 -6.15 1.75
C PRO A 161 3.25 -7.53 1.48
C PRO A 161 3.64 -7.51 1.09
N THR A 162 4.01 -8.55 1.81
CA THR A 162 3.71 -9.92 1.40
C THR A 162 2.93 -10.57 2.52
N LEU A 163 2.17 -11.60 2.16
CA LEU A 163 1.26 -12.28 3.12
C LEU A 163 1.52 -13.77 3.08
N SER A 164 1.50 -14.39 4.25
CA SER A 164 1.63 -15.84 4.41
C SER A 164 0.32 -16.41 4.97
N ALA A 165 -0.13 -17.51 4.37
CA ALA A 165 -1.29 -18.30 4.83
C ALA A 165 -0.81 -19.59 5.50
N ASP A 166 0.50 -19.83 5.58
CA ASP A 166 0.99 -21.18 5.98
C ASP A 166 2.03 -21.04 7.08
N GLY A 167 1.87 -20.06 7.97
CA GLY A 167 2.73 -19.90 9.15
C GLY A 167 4.10 -19.40 8.79
N GLY A 168 4.24 -18.65 7.70
CA GLY A 168 5.52 -17.96 7.41
C GLY A 168 6.43 -18.80 6.54
N SER A 169 5.93 -19.93 6.00
N SER A 169 5.95 -19.92 6.03
CA SER A 169 6.66 -20.86 5.09
CA SER A 169 6.81 -20.75 5.14
C SER A 169 6.75 -20.29 3.67
C SER A 169 6.83 -20.09 3.76
N THR A 170 5.66 -19.68 3.22
CA THR A 170 5.59 -19.04 1.89
C THR A 170 4.81 -17.76 2.02
N TYR A 171 5.21 -16.77 1.24
CA TYR A 171 4.54 -15.46 1.19
C TYR A 171 4.18 -15.13 -0.26
N PHE A 172 3.14 -14.35 -0.42
CA PHE A 172 2.71 -13.86 -1.75
C PHE A 172 2.45 -12.36 -1.69
N VAL A 173 2.64 -11.76 -2.86
CA VAL A 173 2.27 -10.35 -3.12
C VAL A 173 0.77 -10.30 -3.31
N LEU A 174 0.15 -9.24 -2.81
N LEU A 174 0.15 -9.24 -2.81
CA LEU A 174 -1.29 -8.99 -3.07
CA LEU A 174 -1.28 -8.97 -3.07
C LEU A 174 -1.44 -8.41 -4.48
C LEU A 174 -1.43 -8.41 -4.48
N ASP A 175 -2.16 -9.09 -5.34
CA ASP A 175 -2.29 -8.67 -6.76
C ASP A 175 -3.67 -9.07 -7.29
N SER A 176 -3.84 -8.92 -8.57
CA SER A 176 -5.13 -9.09 -9.27
C SER A 176 -5.71 -10.49 -9.04
N ALA A 177 -4.94 -11.46 -8.57
CA ALA A 177 -5.52 -12.81 -8.31
C ALA A 177 -6.60 -12.73 -7.22
N ILE A 178 -6.46 -11.82 -6.24
CA ILE A 178 -7.29 -11.85 -5.02
C ILE A 178 -7.84 -10.46 -4.65
N LEU A 179 -7.42 -9.39 -5.31
CA LEU A 179 -7.90 -8.04 -4.92
C LEU A 179 -9.19 -7.71 -5.67
N SER A 180 -10.06 -6.96 -5.01
CA SER A 180 -11.29 -6.40 -5.62
C SER A 180 -11.50 -4.99 -5.13
N SER A 181 -11.79 -4.07 -6.03
CA SER A 181 -11.95 -2.66 -5.64
C SER A 181 -13.22 -2.47 -4.81
N THR A 182 -14.26 -3.28 -5.06
CA THR A 182 -15.58 -3.04 -4.43
C THR A 182 -16.05 -4.22 -3.59
N GLY A 183 -15.41 -5.39 -3.68
CA GLY A 183 -15.87 -6.60 -2.97
C GLY A 183 -16.77 -7.45 -3.85
N GLU A 184 -17.07 -6.99 -5.08
CA GLU A 184 -17.65 -7.89 -6.10
C GLU A 184 -16.54 -8.66 -6.79
N THR A 185 -16.86 -9.78 -7.40
CA THR A 185 -15.88 -10.63 -8.11
C THR A 185 -15.41 -9.92 -9.39
N PRO A 186 -14.12 -9.55 -9.55
CA PRO A 186 -13.68 -8.95 -10.82
C PRO A 186 -13.44 -10.03 -11.90
N TYR A 187 -13.81 -9.74 -13.15
CA TYR A 187 -13.65 -10.58 -14.36
C TYR A 187 -12.98 -9.68 -15.41
N THR A 188 -11.76 -9.26 -15.10
CA THR A 188 -10.97 -8.32 -15.92
C THR A 188 -9.73 -9.01 -16.46
CA CA B . 12.61 7.36 2.35
CA CA C . 10.85 15.10 4.21
CA CA D . 0.08 -1.34 -16.37
CA CA E . 5.73 13.99 -11.34
CA CA F . -8.68 13.06 0.89
CA CA G . 8.13 -2.72 -10.15
C1 GYP H . 17.78 7.26 4.92
C2 GYP H . 17.08 6.67 3.70
C3 GYP H . 15.72 7.32 3.54
C4 GYP H . 14.93 7.14 4.80
C5 GYP H . 15.69 7.77 5.95
C6 GYP H . 14.98 7.50 7.24
C7 GYP H . 18.95 9.20 5.52
O1 GYP H . 18.05 8.57 4.57
O2 GYP H . 17.88 6.86 2.51
O3 GYP H . 15.00 6.71 2.46
O4 GYP H . 13.67 7.80 4.59
O5 GYP H . 16.97 7.16 6.08
O6 GYP H . 15.67 8.25 8.25
H1 GYP H . 18.61 6.79 5.08
H2 GYP H . 16.95 5.72 3.85
H3 GYP H . 15.83 8.27 3.37
H4 GYP H . 14.80 6.19 4.98
H5 GYP H . 15.79 8.72 5.80
H61 GYP H . 14.05 7.80 7.17
H62 GYP H . 15.00 6.55 7.44
H7C1 GYP H . 19.84 8.81 5.42
H7C2 GYP H . 19.00 10.15 5.34
H7C3 GYP H . 18.63 9.05 6.41
HO2 GYP H . 18.19 6.11 2.25
HO3 GYP H . 14.61 7.30 2.00
HO4 GYP H . 13.11 7.24 4.28
HO6 GYP H . 15.28 8.16 9.00
CA CA I . 18.80 3.81 8.93
CA CA J . 10.02 -19.32 2.67
#